data_1XU2
#
_entry.id   1XU2
#
_cell.length_a   114.294
_cell.length_b   114.294
_cell.length_c   91.180
_cell.angle_alpha   90.00
_cell.angle_beta   90.00
_cell.angle_gamma   120.00
#
_symmetry.space_group_name_H-M   'P 61'
#
loop_
_entity.id
_entity.type
_entity.pdbx_description
1 polymer 'Tumor necrosis factor ligand superfamily member 13'
2 polymer 'Tumor necrosis factor receptor superfamily member 17'
3 non-polymer 'NICKEL (II) ION'
4 water water
#
loop_
_entity_poly.entity_id
_entity_poly.type
_entity_poly.pdbx_seq_one_letter_code
_entity_poly.pdbx_strand_id
1 'polypeptide(L)'
;KKHSVLHLVPVNITSKADSDVTEVMWQPVLRRGRGLEAQGDIVRVWDTGIYLLYSQVLFHDVTFTMGQVVSREGQGRRET
LFRCIRSMPSDPDRAYNSCYSAGVFHLHQGDIITVKIPRANAKLSLSPHGTFLGFVKL
;
A,B,D
2 'polypeptide(L)' AGQCSQNEYFDSLLHACIPCQLRCSSNTPPLTCQRYCNASVTNSVKG R,S,T
#
loop_
_chem_comp.id
_chem_comp.type
_chem_comp.name
_chem_comp.formula
NI non-polymer 'NICKEL (II) ION' 'Ni 2'
#
# COMPACT_ATOMS: atom_id res chain seq x y z
N LYS A 2 -17.69 -13.97 -15.88
CA LYS A 2 -16.21 -14.07 -16.12
C LYS A 2 -15.64 -12.74 -16.64
N HIS A 3 -15.00 -11.96 -15.76
CA HIS A 3 -14.36 -10.69 -16.14
C HIS A 3 -13.04 -10.92 -16.84
N SER A 4 -12.71 -10.02 -17.76
CA SER A 4 -11.41 -10.00 -18.41
C SER A 4 -10.37 -9.54 -17.42
N VAL A 5 -9.22 -10.19 -17.42
CA VAL A 5 -8.11 -9.81 -16.58
C VAL A 5 -6.79 -9.89 -17.32
N LEU A 6 -5.80 -9.19 -16.78
CA LEU A 6 -4.43 -9.28 -17.22
C LEU A 6 -3.52 -9.04 -16.02
N HIS A 7 -2.62 -9.97 -15.75
CA HIS A 7 -1.61 -9.78 -14.72
C HIS A 7 -0.24 -9.88 -15.38
N LEU A 8 0.58 -8.84 -15.20
CA LEU A 8 1.87 -8.68 -15.85
C LEU A 8 3.04 -8.62 -14.85
N VAL A 9 4.17 -9.23 -15.24
CA VAL A 9 5.41 -9.18 -14.47
C VAL A 9 6.58 -8.72 -15.36
N PRO A 10 7.69 -8.27 -14.75
CA PRO A 10 8.85 -7.77 -15.52
C PRO A 10 9.56 -8.83 -16.32
N VAL A 11 10.05 -8.43 -17.48
CA VAL A 11 11.12 -9.16 -18.15
C VAL A 11 12.43 -8.38 -17.96
N ASN A 12 12.37 -7.05 -17.97
CA ASN A 12 13.55 -6.19 -18.03
C ASN A 12 13.28 -4.76 -17.57
N ILE A 13 14.35 -4.03 -17.27
CA ILE A 13 14.31 -2.59 -17.00
C ILE A 13 14.82 -1.81 -18.21
N THR A 14 14.32 -0.60 -18.38
CA THR A 14 14.90 0.37 -19.33
C THR A 14 14.96 1.77 -18.72
N SER A 15 16.07 2.44 -18.98
CA SER A 15 16.26 3.84 -18.59
C SER A 15 17.26 4.49 -19.55
N LYS A 16 16.80 5.48 -20.31
CA LYS A 16 17.69 6.18 -21.24
C LYS A 16 18.44 7.31 -20.53
N ALA A 17 19.61 7.66 -21.09
CA ALA A 17 20.56 8.59 -20.45
C ALA A 17 19.95 9.90 -19.93
N ASP A 18 19.32 10.66 -20.82
CA ASP A 18 18.90 12.04 -20.52
C ASP A 18 17.61 12.19 -19.70
N SER A 19 16.88 11.09 -19.52
CA SER A 19 15.44 11.13 -19.24
C SER A 19 14.99 11.35 -17.77
N ASP A 20 15.76 10.83 -16.82
CA ASP A 20 15.35 10.77 -15.40
C ASP A 20 14.08 9.94 -15.22
N VAL A 21 14.09 8.80 -15.90
CA VAL A 21 12.95 7.91 -15.97
C VAL A 21 13.45 6.48 -16.11
N THR A 22 12.79 5.58 -15.39
CA THR A 22 12.99 4.15 -15.52
C THR A 22 11.62 3.51 -15.78
N GLU A 23 11.56 2.58 -16.72
CA GLU A 23 10.35 1.81 -16.97
C GLU A 23 10.65 0.31 -16.99
N VAL A 24 9.58 -0.48 -16.94
CA VAL A 24 9.66 -1.93 -16.92
C VAL A 24 9.07 -2.50 -18.24
N MET A 25 9.77 -3.43 -18.87
CA MET A 25 9.22 -4.23 -19.98
C MET A 25 8.36 -5.32 -19.36
N TRP A 26 7.10 -5.42 -19.78
CA TRP A 26 6.12 -6.32 -19.15
C TRP A 26 5.85 -7.57 -19.97
N GLN A 27 5.54 -8.67 -19.27
CA GLN A 27 5.07 -9.91 -19.90
C GLN A 27 3.90 -10.49 -19.09
N PRO A 28 2.91 -11.05 -19.78
CA PRO A 28 1.75 -11.62 -19.09
C PRO A 28 2.08 -12.95 -18.42
N VAL A 29 1.59 -13.15 -17.19
CA VAL A 29 1.54 -14.50 -16.63
C VAL A 29 0.09 -14.99 -16.49
N LEU A 30 -0.87 -14.07 -16.56
CA LEU A 30 -2.29 -14.43 -16.51
C LEU A 30 -3.08 -13.49 -17.42
N ARG A 31 -3.95 -14.07 -18.23
CA ARG A 31 -4.91 -13.28 -19.02
C ARG A 31 -6.21 -14.03 -19.27
N ARG A 32 -7.31 -13.29 -19.29
CA ARG A 32 -8.60 -13.79 -19.71
C ARG A 32 -9.36 -12.65 -20.40
N GLY A 33 -10.14 -12.95 -21.44
CA GLY A 33 -10.75 -11.89 -22.24
C GLY A 33 -9.70 -11.22 -23.11
N ARG A 34 -10.04 -10.11 -23.74
CA ARG A 34 -9.28 -9.67 -24.93
C ARG A 34 -8.88 -8.18 -25.06
N GLY A 35 -9.31 -7.32 -24.13
CA GLY A 35 -9.17 -5.88 -24.33
C GLY A 35 -7.82 -5.21 -24.12
N LEU A 36 -6.77 -5.97 -23.79
CA LEU A 36 -5.48 -5.37 -23.40
C LEU A 36 -4.28 -6.15 -23.91
N GLU A 37 -3.17 -5.44 -24.08
CA GLU A 37 -1.96 -6.05 -24.61
C GLU A 37 -0.73 -5.27 -24.19
N ALA A 38 0.15 -5.93 -23.45
CA ALA A 38 1.47 -5.40 -23.14
C ALA A 38 2.27 -5.38 -24.42
N GLN A 39 2.94 -4.25 -24.67
CA GLN A 39 3.93 -4.14 -25.72
C GLN A 39 5.15 -3.46 -25.10
N GLY A 40 6.16 -4.24 -24.74
CA GLY A 40 7.36 -3.69 -24.16
C GLY A 40 7.04 -3.02 -22.84
N ASP A 41 7.35 -1.74 -22.72
CA ASP A 41 7.14 -1.07 -21.44
C ASP A 41 5.81 -0.32 -21.33
N ILE A 42 4.90 -0.51 -22.29
CA ILE A 42 3.54 0.02 -22.16
C ILE A 42 2.47 -1.08 -22.28
N VAL A 43 1.24 -0.73 -21.94
CA VAL A 43 0.09 -1.60 -22.17
C VAL A 43 -0.82 -0.85 -23.13
N ARG A 44 -1.24 -1.51 -24.21
CA ARG A 44 -2.19 -0.90 -25.13
C ARG A 44 -3.61 -1.28 -24.73
N VAL A 45 -4.52 -0.31 -24.80
CA VAL A 45 -5.93 -0.54 -24.52
C VAL A 45 -6.67 -0.66 -25.84
N TRP A 46 -7.36 -1.79 -26.02
CA TRP A 46 -8.07 -2.10 -27.25
C TRP A 46 -9.58 -2.00 -27.11
N ASP A 47 -10.11 -2.25 -25.91
CA ASP A 47 -11.54 -2.16 -25.62
C ASP A 47 -11.81 -1.04 -24.62
N THR A 48 -12.71 -0.14 -24.96
CA THR A 48 -13.18 0.88 -24.05
C THR A 48 -13.91 0.25 -22.88
N GLY A 49 -13.66 0.75 -21.68
CA GLY A 49 -14.39 0.32 -20.50
C GLY A 49 -13.87 0.86 -19.18
N ILE A 50 -14.46 0.39 -18.09
CA ILE A 50 -14.02 0.75 -16.76
C ILE A 50 -13.16 -0.40 -16.24
N TYR A 51 -11.95 -0.07 -15.80
CA TYR A 51 -10.98 -1.07 -15.37
C TYR A 51 -10.44 -0.75 -13.99
N LEU A 52 -10.27 -1.78 -13.17
CA LEU A 52 -9.43 -1.68 -11.98
C LEU A 52 -7.98 -1.85 -12.44
N LEU A 53 -7.14 -0.86 -12.15
CA LEU A 53 -5.70 -0.90 -12.44
C LEU A 53 -4.92 -0.97 -11.15
N TYR A 54 -3.98 -1.89 -11.07
CA TYR A 54 -3.11 -1.97 -9.88
C TYR A 54 -1.66 -2.14 -10.27
N SER A 55 -0.79 -1.56 -9.45
CA SER A 55 0.65 -1.48 -9.71
C SER A 55 1.41 -1.60 -8.41
N GLN A 56 2.38 -2.51 -8.39
CA GLN A 56 3.35 -2.59 -7.34
C GLN A 56 4.74 -2.56 -7.91
N VAL A 57 5.62 -1.81 -7.26
CA VAL A 57 7.05 -1.90 -7.54
C VAL A 57 7.80 -2.10 -6.24
N LEU A 58 8.77 -3.01 -6.29
CA LEU A 58 9.64 -3.28 -5.16
C LEU A 58 10.98 -2.59 -5.37
N PHE A 59 11.30 -1.64 -4.50
CA PHE A 59 12.53 -0.86 -4.59
C PHE A 59 13.62 -1.34 -3.64
N HIS A 60 14.87 -1.22 -4.07
CA HIS A 60 16.04 -1.44 -3.23
C HIS A 60 17.03 -0.34 -3.60
N ASP A 61 16.80 0.85 -3.04
CA ASP A 61 17.31 2.12 -3.57
C ASP A 61 17.25 3.19 -2.45
N VAL A 62 18.38 3.89 -2.21
CA VAL A 62 18.45 4.85 -1.10
C VAL A 62 17.95 6.27 -1.43
N THR A 63 17.48 6.49 -2.64
CA THR A 63 16.97 7.79 -3.03
C THR A 63 15.82 8.17 -2.11
N PHE A 64 15.89 9.38 -1.58
CA PHE A 64 15.06 9.74 -0.45
C PHE A 64 13.59 9.34 -0.69
N THR A 65 13.10 9.51 -1.91
CA THR A 65 11.77 8.99 -2.27
C THR A 65 11.85 8.20 -3.56
N MET A 66 11.04 7.15 -3.60
CA MET A 66 10.85 6.34 -4.79
C MET A 66 9.36 6.08 -4.97
N GLY A 67 9.00 5.62 -6.15
CA GLY A 67 7.62 5.27 -6.44
C GLY A 67 7.35 5.29 -7.92
N GLN A 68 6.08 5.20 -8.28
CA GLN A 68 5.72 5.11 -9.69
C GLN A 68 4.52 5.97 -10.04
N VAL A 69 4.44 6.32 -11.32
CA VAL A 69 3.39 7.17 -11.87
C VAL A 69 2.72 6.36 -12.97
N VAL A 70 1.42 6.13 -12.83
CA VAL A 70 0.64 5.39 -13.83
C VAL A 70 -0.26 6.36 -14.59
N SER A 71 -0.10 6.40 -15.91
CA SER A 71 -0.81 7.36 -16.75
C SER A 71 -1.45 6.70 -17.93
N ARG A 72 -2.36 7.45 -18.56
CA ARG A 72 -2.92 7.05 -19.83
C ARG A 72 -2.74 8.19 -20.82
N GLU A 73 -2.27 7.86 -22.01
CA GLU A 73 -2.12 8.82 -23.11
C GLU A 73 -3.09 8.43 -24.21
N GLY A 74 -3.67 9.41 -24.86
CA GLY A 74 -4.68 9.16 -25.86
C GLY A 74 -5.33 10.44 -26.36
N GLN A 75 -5.59 10.50 -27.66
CA GLN A 75 -6.26 11.65 -28.29
C GLN A 75 -5.50 12.96 -28.00
N GLY A 76 -4.18 12.91 -28.08
CA GLY A 76 -3.32 14.06 -27.82
C GLY A 76 -3.48 14.65 -26.41
N ARG A 77 -3.39 13.79 -25.41
CA ARG A 77 -3.67 14.18 -24.01
C ARG A 77 -3.12 13.15 -23.02
N ARG A 78 -2.23 13.60 -22.14
CA ARG A 78 -1.70 12.76 -21.06
C ARG A 78 -2.42 13.07 -19.75
N GLU A 79 -2.78 12.02 -19.01
CA GLU A 79 -3.44 12.14 -17.72
C GLU A 79 -2.83 11.16 -16.70
N THR A 80 -2.37 11.68 -15.56
CA THR A 80 -1.92 10.82 -14.47
C THR A 80 -3.12 10.24 -13.76
N LEU A 81 -3.13 8.91 -13.63
CA LEU A 81 -4.21 8.21 -12.97
C LEU A 81 -3.94 8.03 -11.48
N PHE A 82 -2.74 7.53 -11.13
CA PHE A 82 -2.30 7.50 -9.75
C PHE A 82 -0.79 7.41 -9.59
N ARG A 83 -0.33 7.81 -8.42
CA ARG A 83 1.07 7.75 -8.02
C ARG A 83 1.19 7.01 -6.69
N CYS A 84 2.27 6.26 -6.56
CA CYS A 84 2.66 5.66 -5.30
C CYS A 84 3.97 6.31 -4.92
N ILE A 85 4.09 6.70 -3.65
CA ILE A 85 5.29 7.38 -3.16
C ILE A 85 5.72 6.81 -1.81
N ARG A 86 7.01 6.55 -1.69
CA ARG A 86 7.58 5.88 -0.55
C ARG A 86 8.93 6.49 -0.15
N SER A 87 9.01 6.98 1.08
CA SER A 87 10.30 7.40 1.66
C SER A 87 11.18 6.19 1.90
N MET A 88 12.47 6.35 1.64
CA MET A 88 13.41 5.24 1.73
C MET A 88 14.46 5.54 2.79
N PRO A 89 14.92 4.49 3.48
CA PRO A 89 16.09 4.63 4.36
C PRO A 89 17.33 5.02 3.54
N SER A 90 18.25 5.73 4.16
CA SER A 90 19.44 6.23 3.44
C SER A 90 20.62 5.26 3.49
N ASP A 91 20.47 4.18 4.25
CA ASP A 91 21.47 3.12 4.35
C ASP A 91 21.17 2.06 3.28
N PRO A 92 22.09 1.79 2.35
CA PRO A 92 21.85 0.86 1.24
C PRO A 92 21.36 -0.52 1.66
N ASP A 93 21.95 -1.08 2.71
CA ASP A 93 21.61 -2.43 3.16
C ASP A 93 20.21 -2.54 3.77
N ARG A 94 19.67 -1.41 4.23
CA ARG A 94 18.34 -1.37 4.86
C ARG A 94 17.23 -0.89 3.92
N ALA A 95 17.58 -0.45 2.70
CA ALA A 95 16.69 0.33 1.84
C ALA A 95 15.79 -0.52 0.94
N TYR A 96 14.79 -1.14 1.54
CA TYR A 96 13.80 -1.93 0.82
C TYR A 96 12.41 -1.42 1.14
N ASN A 97 11.58 -1.25 0.11
CA ASN A 97 10.16 -0.94 0.26
C ASN A 97 9.39 -1.31 -1.01
N SER A 98 8.21 -1.89 -0.84
CA SER A 98 7.32 -2.08 -1.96
C SER A 98 6.36 -0.91 -1.95
N CYS A 99 5.89 -0.54 -3.14
CA CYS A 99 4.95 0.57 -3.30
C CYS A 99 3.78 0.06 -4.12
N TYR A 100 2.61 0.00 -3.50
CA TYR A 100 1.41 -0.51 -4.12
C TYR A 100 0.37 0.59 -4.19
N SER A 101 -0.23 0.74 -5.38
CA SER A 101 -1.39 1.60 -5.52
C SER A 101 -2.34 1.02 -6.56
N ALA A 102 -3.60 1.46 -6.50
CA ALA A 102 -4.61 1.03 -7.46
C ALA A 102 -5.78 1.98 -7.53
N GLY A 103 -6.58 1.82 -8.56
CA GLY A 103 -7.81 2.59 -8.71
C GLY A 103 -8.61 2.09 -9.88
N VAL A 104 -9.80 2.66 -10.03
CA VAL A 104 -10.71 2.30 -11.10
C VAL A 104 -10.88 3.48 -12.06
N PHE A 105 -10.68 3.23 -13.35
CA PHE A 105 -10.61 4.31 -14.35
C PHE A 105 -11.26 3.93 -15.65
N HIS A 106 -11.86 4.92 -16.29
CA HIS A 106 -12.39 4.77 -17.64
C HIS A 106 -11.25 4.89 -18.64
N LEU A 107 -10.91 3.79 -19.28
CA LEU A 107 -9.92 3.75 -20.34
C LEU A 107 -10.61 3.62 -21.69
N HIS A 108 -10.10 4.32 -22.71
CA HIS A 108 -10.69 4.29 -24.05
C HIS A 108 -9.81 3.48 -25.01
N GLN A 109 -10.44 2.79 -25.97
CA GLN A 109 -9.75 2.15 -27.09
C GLN A 109 -8.68 3.09 -27.64
N GLY A 110 -7.48 2.57 -27.83
CA GLY A 110 -6.37 3.36 -28.36
C GLY A 110 -5.50 4.05 -27.32
N ASP A 111 -5.91 4.02 -26.05
CA ASP A 111 -5.08 4.55 -24.97
C ASP A 111 -3.83 3.69 -24.77
N ILE A 112 -2.80 4.33 -24.24
CA ILE A 112 -1.53 3.70 -23.89
C ILE A 112 -1.39 3.94 -22.38
N ILE A 113 -1.14 2.89 -21.62
CA ILE A 113 -0.88 3.02 -20.20
C ILE A 113 0.62 2.94 -20.00
N THR A 114 1.16 3.88 -19.22
CA THR A 114 2.57 3.89 -18.89
C THR A 114 2.73 3.74 -17.38
N VAL A 115 3.82 3.09 -16.98
CA VAL A 115 4.24 3.01 -15.59
C VAL A 115 5.67 3.50 -15.56
N LYS A 116 5.90 4.63 -14.89
CA LYS A 116 7.20 5.29 -14.93
C LYS A 116 7.68 5.51 -13.51
N ILE A 117 8.93 5.13 -13.25
CA ILE A 117 9.62 5.54 -12.04
C ILE A 117 10.40 6.76 -12.44
N PRO A 118 10.00 7.96 -11.98
CA PRO A 118 10.71 9.19 -12.37
C PRO A 118 12.10 9.40 -11.75
N ARG A 119 12.93 8.36 -11.78
CA ARG A 119 14.38 8.50 -11.56
C ARG A 119 15.07 7.64 -12.60
N ALA A 120 16.23 8.10 -13.05
CA ALA A 120 17.06 7.32 -13.97
C ALA A 120 17.71 6.15 -13.22
N ASN A 121 17.82 5.00 -13.89
CA ASN A 121 18.52 3.83 -13.33
C ASN A 121 18.01 3.42 -11.94
N ALA A 122 16.70 3.50 -11.77
CA ALA A 122 16.06 3.06 -10.53
C ALA A 122 16.41 1.61 -10.25
N LYS A 123 16.77 1.31 -9.01
CA LYS A 123 17.12 -0.05 -8.62
C LYS A 123 15.85 -0.70 -8.12
N LEU A 124 15.29 -1.57 -8.93
CA LEU A 124 14.03 -2.19 -8.60
C LEU A 124 14.03 -3.66 -8.98
N SER A 125 13.28 -4.44 -8.22
CA SER A 125 13.26 -5.87 -8.40
C SER A 125 12.48 -6.30 -9.65
N LEU A 126 13.05 -7.26 -10.38
CA LEU A 126 12.39 -7.96 -11.47
C LEU A 126 11.59 -9.20 -11.01
N SER A 127 11.54 -9.43 -9.71
CA SER A 127 10.81 -10.57 -9.17
C SER A 127 9.33 -10.43 -9.52
N PRO A 128 8.71 -11.50 -10.01
CA PRO A 128 7.31 -11.44 -10.42
C PRO A 128 6.35 -11.21 -9.24
N HIS A 129 6.80 -11.57 -8.04
CA HIS A 129 5.99 -11.36 -6.83
C HIS A 129 6.35 -10.07 -6.07
N GLY A 130 7.36 -9.32 -6.52
CA GLY A 130 7.70 -8.03 -5.93
C GLY A 130 7.24 -6.83 -6.74
N THR A 131 7.30 -6.98 -8.06
CA THR A 131 6.94 -5.95 -9.01
C THR A 131 5.98 -6.55 -10.03
N PHE A 132 4.83 -5.90 -10.23
CA PHE A 132 3.81 -6.40 -11.14
C PHE A 132 2.78 -5.31 -11.46
N LEU A 133 1.92 -5.60 -12.41
CA LEU A 133 0.96 -4.64 -12.93
C LEU A 133 -0.25 -5.40 -13.49
N GLY A 134 -1.45 -4.96 -13.16
CA GLY A 134 -2.64 -5.70 -13.56
C GLY A 134 -3.90 -4.89 -13.78
N PHE A 135 -4.88 -5.56 -14.40
CA PHE A 135 -6.11 -4.96 -14.88
C PHE A 135 -7.29 -5.92 -14.70
N VAL A 136 -8.45 -5.39 -14.33
CA VAL A 136 -9.68 -6.17 -14.30
C VAL A 136 -10.75 -5.29 -14.93
N LYS A 137 -11.38 -5.79 -15.99
CA LYS A 137 -12.43 -5.05 -16.65
C LYS A 137 -13.69 -5.27 -15.84
N LEU A 138 -14.29 -4.17 -15.38
CA LEU A 138 -15.44 -4.23 -14.49
C LEU A 138 -16.72 -4.06 -15.27
N LYS B 2 -21.27 -4.45 -15.70
CA LYS B 2 -22.55 -3.80 -15.26
C LYS B 2 -22.47 -3.26 -13.81
N HIS B 3 -21.28 -3.35 -13.22
CA HIS B 3 -21.09 -3.00 -11.82
C HIS B 3 -21.18 -1.49 -11.56
N SER B 4 -21.84 -1.10 -10.47
CA SER B 4 -21.79 0.27 -9.97
C SER B 4 -20.38 0.65 -9.50
N VAL B 5 -19.92 1.82 -9.91
CA VAL B 5 -18.62 2.34 -9.50
C VAL B 5 -18.71 3.82 -9.12
N LEU B 6 -17.75 4.24 -8.30
CA LEU B 6 -17.59 5.64 -7.91
C LEU B 6 -16.12 5.88 -7.57
N HIS B 7 -15.46 6.72 -8.35
CA HIS B 7 -14.11 7.16 -8.04
C HIS B 7 -14.17 8.66 -7.69
N LEU B 8 -13.49 9.05 -6.62
CA LEU B 8 -13.61 10.37 -6.03
C LEU B 8 -12.25 10.99 -5.76
N VAL B 9 -12.15 12.30 -5.94
CA VAL B 9 -10.92 13.04 -5.70
C VAL B 9 -11.21 14.30 -4.87
N PRO B 10 -10.18 14.85 -4.22
CA PRO B 10 -10.38 15.98 -3.31
C PRO B 10 -10.75 17.27 -4.01
N VAL B 11 -11.53 18.09 -3.33
CA VAL B 11 -11.68 19.50 -3.68
C VAL B 11 -10.98 20.34 -2.60
N ASN B 12 -11.20 20.01 -1.32
CA ASN B 12 -10.50 20.69 -0.23
C ASN B 12 -10.46 19.83 1.04
N ILE B 13 -9.69 20.24 2.05
CA ILE B 13 -9.69 19.58 3.37
C ILE B 13 -10.42 20.43 4.38
N THR B 14 -10.89 19.81 5.46
CA THR B 14 -11.48 20.53 6.60
C THR B 14 -10.95 19.97 7.93
N SER B 15 -10.82 20.84 8.92
CA SER B 15 -10.38 20.43 10.24
C SER B 15 -10.99 21.36 11.29
N LYS B 16 -11.99 20.88 12.02
CA LYS B 16 -12.63 21.66 13.09
C LYS B 16 -11.62 21.94 14.20
N ALA B 17 -11.75 23.11 14.82
CA ALA B 17 -10.74 23.68 15.73
C ALA B 17 -10.14 22.71 16.74
N ASP B 18 -10.92 22.28 17.72
CA ASP B 18 -10.38 21.49 18.84
C ASP B 18 -10.45 19.96 18.64
N SER B 19 -10.98 19.52 17.50
CA SER B 19 -10.93 18.11 17.12
C SER B 19 -9.50 17.80 16.68
N ASP B 20 -9.13 16.52 16.69
CA ASP B 20 -7.83 16.11 16.19
C ASP B 20 -8.07 15.26 14.97
N VAL B 21 -8.79 15.82 14.02
CA VAL B 21 -9.14 15.13 12.80
C VAL B 21 -9.22 16.06 11.60
N THR B 22 -8.81 15.51 10.47
CA THR B 22 -8.81 16.17 9.19
C THR B 22 -9.62 15.30 8.23
N GLU B 23 -10.52 15.92 7.48
CA GLU B 23 -11.32 15.22 6.50
C GLU B 23 -11.20 15.85 5.12
N VAL B 24 -11.72 15.16 4.10
CA VAL B 24 -11.62 15.61 2.73
C VAL B 24 -13.00 15.76 2.14
N MET B 25 -13.25 16.91 1.51
CA MET B 25 -14.46 17.10 0.72
C MET B 25 -14.21 16.48 -0.66
N TRP B 26 -15.06 15.55 -1.04
CA TRP B 26 -14.84 14.73 -2.23
C TRP B 26 -15.66 15.22 -3.40
N GLN B 27 -15.14 15.00 -4.60
CA GLN B 27 -15.89 15.22 -5.83
C GLN B 27 -15.79 13.97 -6.73
N PRO B 28 -16.90 13.53 -7.29
CA PRO B 28 -16.88 12.36 -8.17
C PRO B 28 -16.32 12.71 -9.54
N VAL B 29 -15.39 11.90 -10.04
CA VAL B 29 -14.90 12.06 -11.42
C VAL B 29 -15.23 10.85 -12.30
N LEU B 30 -15.64 9.75 -11.71
CA LEU B 30 -16.17 8.61 -12.46
C LEU B 30 -17.35 8.03 -11.69
N ARG B 31 -18.44 7.80 -12.40
CA ARG B 31 -19.67 7.33 -11.80
C ARG B 31 -20.39 6.43 -12.80
N ARG B 32 -20.84 5.27 -12.33
CA ARG B 32 -21.70 4.40 -13.11
C ARG B 32 -22.69 3.75 -12.16
N GLY B 33 -23.96 3.77 -12.53
CA GLY B 33 -25.03 3.23 -11.71
C GLY B 33 -25.32 4.14 -10.54
N ARG B 34 -26.31 3.74 -9.75
CA ARG B 34 -26.69 4.46 -8.55
C ARG B 34 -26.28 3.63 -7.31
N GLY B 35 -26.71 4.07 -6.14
CA GLY B 35 -26.43 3.35 -4.90
C GLY B 35 -25.39 4.05 -4.03
N LEU B 36 -24.66 5.00 -4.59
CA LEU B 36 -23.65 5.75 -3.85
C LEU B 36 -23.73 7.23 -4.23
N GLU B 37 -23.62 8.09 -3.24
CA GLU B 37 -23.71 9.53 -3.44
C GLU B 37 -22.71 10.23 -2.51
N ALA B 38 -21.72 10.90 -3.10
CA ALA B 38 -20.88 11.79 -2.33
C ALA B 38 -21.66 13.04 -1.93
N GLN B 39 -21.46 13.50 -0.71
CA GLN B 39 -21.88 14.82 -0.31
C GLN B 39 -20.92 15.31 0.78
N GLY B 40 -20.13 16.32 0.41
CA GLY B 40 -19.16 16.88 1.33
C GLY B 40 -18.09 15.86 1.64
N ASP B 41 -17.79 15.70 2.92
CA ASP B 41 -16.68 14.83 3.34
C ASP B 41 -17.06 13.37 3.63
N ILE B 42 -18.28 12.98 3.27
CA ILE B 42 -18.75 11.61 3.43
C ILE B 42 -19.42 11.10 2.15
N VAL B 43 -19.60 9.78 2.08
CA VAL B 43 -20.33 9.13 1.00
C VAL B 43 -21.51 8.39 1.60
N ARG B 44 -22.70 8.62 1.06
CA ARG B 44 -23.90 7.92 1.53
C ARG B 44 -24.10 6.68 0.70
N VAL B 45 -24.44 5.58 1.38
CA VAL B 45 -24.78 4.33 0.72
C VAL B 45 -26.29 4.24 0.66
N TRP B 46 -26.83 3.94 -0.51
CA TRP B 46 -28.27 3.77 -0.73
C TRP B 46 -28.65 2.34 -1.08
N ASP B 47 -27.81 1.65 -1.86
CA ASP B 47 -28.08 0.27 -2.25
C ASP B 47 -27.24 -0.63 -1.36
N THR B 48 -27.93 -1.47 -0.58
CA THR B 48 -27.27 -2.48 0.24
C THR B 48 -26.54 -3.49 -0.66
N GLY B 49 -25.35 -3.91 -0.23
CA GLY B 49 -24.59 -4.89 -0.97
C GLY B 49 -23.14 -4.96 -0.55
N ILE B 50 -22.36 -5.72 -1.32
CA ILE B 50 -20.95 -5.92 -1.05
C ILE B 50 -20.15 -5.03 -1.99
N TYR B 51 -19.24 -4.24 -1.44
CA TYR B 51 -18.46 -3.30 -2.22
C TYR B 51 -16.97 -3.44 -1.98
N LEU B 52 -16.18 -3.36 -3.06
CA LEU B 52 -14.76 -3.02 -2.95
C LEU B 52 -14.65 -1.56 -2.55
N LEU B 53 -13.93 -1.29 -1.47
CA LEU B 53 -13.64 0.07 -1.02
C LEU B 53 -12.14 0.26 -1.01
N TYR B 54 -11.65 1.31 -1.66
CA TYR B 54 -10.22 1.63 -1.61
C TYR B 54 -10.02 3.12 -1.33
N SER B 55 -8.90 3.45 -0.69
CA SER B 55 -8.60 4.81 -0.23
C SER B 55 -7.10 4.99 -0.24
N GLN B 56 -6.66 6.08 -0.85
CA GLN B 56 -5.27 6.50 -0.76
C GLN B 56 -5.22 7.96 -0.35
N VAL B 57 -4.26 8.27 0.50
CA VAL B 57 -3.94 9.65 0.87
C VAL B 57 -2.44 9.82 0.73
N LEU B 58 -2.04 10.96 0.18
CA LEU B 58 -0.63 11.34 0.06
C LEU B 58 -0.28 12.39 1.10
N PHE B 59 0.72 12.09 1.92
CA PHE B 59 1.12 12.94 3.04
C PHE B 59 2.46 13.59 2.79
N HIS B 60 2.55 14.86 3.22
CA HIS B 60 3.79 15.64 3.27
C HIS B 60 3.88 16.27 4.67
N ASP B 61 4.24 15.45 5.64
CA ASP B 61 4.04 15.74 7.06
C ASP B 61 5.11 14.99 7.87
N VAL B 62 5.73 15.65 8.85
CA VAL B 62 6.78 15.03 9.68
C VAL B 62 6.24 14.32 10.94
N THR B 63 4.94 14.43 11.20
CA THR B 63 4.31 13.72 12.32
C THR B 63 4.68 12.26 12.23
N PHE B 64 5.11 11.70 13.36
CA PHE B 64 5.83 10.43 13.38
C PHE B 64 5.11 9.32 12.64
N THR B 65 3.77 9.30 12.72
CA THR B 65 2.93 8.46 11.87
C THR B 65 1.79 9.27 11.33
N MET B 66 1.43 8.95 10.09
CA MET B 66 0.24 9.47 9.43
C MET B 66 -0.55 8.31 8.83
N GLY B 67 -1.77 8.59 8.42
CA GLY B 67 -2.62 7.59 7.80
C GLY B 67 -4.10 7.94 7.89
N GLN B 68 -4.96 7.01 7.50
CA GLN B 68 -6.40 7.30 7.47
C GLN B 68 -7.21 6.13 7.99
N VAL B 69 -8.37 6.45 8.53
CA VAL B 69 -9.30 5.51 9.09
C VAL B 69 -10.55 5.62 8.25
N VAL B 70 -10.93 4.52 7.61
CA VAL B 70 -12.15 4.45 6.81
C VAL B 70 -13.21 3.67 7.58
N SER B 71 -14.40 4.25 7.74
CA SER B 71 -15.46 3.67 8.55
C SER B 71 -16.82 3.78 7.90
N ARG B 72 -17.76 3.01 8.42
CA ARG B 72 -19.16 3.20 8.11
C ARG B 72 -19.94 3.50 9.39
N GLU B 73 -20.92 4.38 9.29
CA GLU B 73 -21.83 4.70 10.38
C GLU B 73 -23.26 4.47 9.92
N GLY B 74 -24.09 3.97 10.81
CA GLY B 74 -25.47 3.66 10.47
C GLY B 74 -26.14 2.96 11.62
N GLN B 75 -27.45 3.19 11.77
CA GLN B 75 -28.23 2.60 12.87
C GLN B 75 -27.59 2.92 14.24
N GLY B 76 -27.01 4.12 14.36
CA GLY B 76 -26.29 4.53 15.55
C GLY B 76 -25.17 3.58 15.96
N ARG B 77 -24.17 3.45 15.09
CA ARG B 77 -23.11 2.46 15.28
C ARG B 77 -21.96 2.69 14.29
N ARG B 78 -20.83 3.20 14.77
CA ARG B 78 -19.63 3.34 13.95
C ARG B 78 -18.84 2.03 13.93
N GLU B 79 -18.43 1.59 12.73
CA GLU B 79 -17.60 0.41 12.56
C GLU B 79 -16.38 0.78 11.70
N THR B 80 -15.18 0.54 12.21
CA THR B 80 -13.98 0.80 11.43
C THR B 80 -13.78 -0.32 10.40
N LEU B 81 -13.64 0.04 9.12
CA LEU B 81 -13.47 -0.95 8.06
C LEU B 81 -12.00 -1.30 7.84
N PHE B 82 -11.19 -0.29 7.61
CA PHE B 82 -9.74 -0.48 7.57
C PHE B 82 -9.00 0.78 7.89
N ARG B 83 -7.72 0.63 8.13
CA ARG B 83 -6.87 1.79 8.22
C ARG B 83 -5.52 1.54 7.59
N CYS B 84 -4.89 2.66 7.25
CA CYS B 84 -3.59 2.66 6.65
C CYS B 84 -2.66 3.48 7.57
N ILE B 85 -1.45 3.00 7.80
CA ILE B 85 -0.51 3.65 8.70
C ILE B 85 0.89 3.68 8.11
N ARG B 86 1.48 4.88 8.09
CA ARG B 86 2.82 5.08 7.57
C ARG B 86 3.69 5.88 8.54
N SER B 87 4.84 5.34 8.88
CA SER B 87 5.86 6.09 9.59
C SER B 87 6.44 7.14 8.65
N MET B 88 6.68 8.35 9.15
CA MET B 88 7.20 9.45 8.35
C MET B 88 8.62 9.84 8.79
N PRO B 89 9.49 10.15 7.83
CA PRO B 89 10.76 10.82 8.12
C PRO B 89 10.56 12.09 8.95
N SER B 90 11.50 12.44 9.83
CA SER B 90 11.39 13.67 10.65
C SER B 90 11.92 14.92 9.94
N ASP B 91 12.59 14.74 8.82
CA ASP B 91 13.13 15.82 8.01
C ASP B 91 12.04 16.29 7.03
N PRO B 92 11.57 17.52 7.15
CA PRO B 92 10.49 18.02 6.28
C PRO B 92 10.78 17.99 4.77
N ASP B 93 12.05 18.16 4.37
CA ASP B 93 12.44 18.02 2.95
C ASP B 93 12.20 16.62 2.37
N ARG B 94 12.26 15.61 3.23
CA ARG B 94 12.17 14.20 2.81
C ARG B 94 10.82 13.52 3.10
N ALA B 95 9.92 14.22 3.79
CA ALA B 95 8.78 13.57 4.42
C ALA B 95 7.56 13.45 3.49
N TYR B 96 7.60 12.44 2.63
CA TYR B 96 6.56 12.15 1.66
C TYR B 96 6.24 10.65 1.69
N ASN B 97 4.96 10.31 1.84
CA ASN B 97 4.51 8.92 1.75
C ASN B 97 3.04 8.87 1.33
N SER B 98 2.71 8.02 0.37
CA SER B 98 1.31 7.68 0.12
C SER B 98 0.93 6.48 1.00
N CYS B 99 -0.35 6.42 1.34
CA CYS B 99 -0.90 5.38 2.17
C CYS B 99 -2.13 4.85 1.48
N TYR B 100 -2.04 3.61 0.98
CA TYR B 100 -3.15 2.96 0.27
C TYR B 100 -3.64 1.76 1.07
N SER B 101 -4.94 1.65 1.23
CA SER B 101 -5.53 0.39 1.70
C SER B 101 -6.87 0.16 1.05
N ALA B 102 -7.32 -1.08 1.09
CA ALA B 102 -8.58 -1.46 0.47
C ALA B 102 -9.12 -2.74 1.09
N GLY B 103 -10.43 -2.90 1.02
CA GLY B 103 -11.06 -4.18 1.34
C GLY B 103 -12.45 -4.27 0.74
N VAL B 104 -13.07 -5.44 0.92
CA VAL B 104 -14.43 -5.71 0.43
C VAL B 104 -15.35 -5.82 1.65
N PHE B 105 -16.44 -5.05 1.65
CA PHE B 105 -17.33 -4.94 2.82
C PHE B 105 -18.81 -4.94 2.47
N HIS B 106 -19.63 -5.44 3.40
CA HIS B 106 -21.08 -5.38 3.29
C HIS B 106 -21.54 -4.00 3.78
N LEU B 107 -22.00 -3.17 2.85
CA LEU B 107 -22.51 -1.84 3.18
C LEU B 107 -24.03 -1.83 3.12
N HIS B 108 -24.66 -1.23 4.11
CA HIS B 108 -26.12 -1.19 4.20
C HIS B 108 -26.66 0.15 3.75
N GLN B 109 -27.87 0.13 3.20
CA GLN B 109 -28.65 1.31 2.87
C GLN B 109 -28.75 2.21 4.09
N GLY B 110 -28.36 3.47 3.95
CA GLY B 110 -28.35 4.41 5.06
C GLY B 110 -27.00 4.59 5.73
N ASP B 111 -26.01 3.80 5.36
CA ASP B 111 -24.66 3.95 5.89
C ASP B 111 -24.02 5.26 5.43
N ILE B 112 -23.21 5.84 6.30
CA ILE B 112 -22.34 6.96 5.97
C ILE B 112 -20.93 6.41 5.98
N ILE B 113 -20.19 6.58 4.89
CA ILE B 113 -18.77 6.21 4.83
C ILE B 113 -17.92 7.44 5.08
N THR B 114 -17.04 7.38 6.09
CA THR B 114 -16.11 8.45 6.42
C THR B 114 -14.65 8.05 6.15
N VAL B 115 -13.85 9.03 5.75
CA VAL B 115 -12.42 8.90 5.66
C VAL B 115 -11.80 9.99 6.52
N LYS B 116 -11.16 9.60 7.62
CA LYS B 116 -10.64 10.55 8.60
C LYS B 116 -9.13 10.37 8.76
N ILE B 117 -8.40 11.48 8.70
CA ILE B 117 -6.99 11.48 9.07
C ILE B 117 -6.97 11.95 10.54
N PRO B 118 -6.66 11.08 11.50
CA PRO B 118 -6.70 11.46 12.92
C PRO B 118 -5.58 12.38 13.44
N ARG B 119 -5.23 13.41 12.66
CA ARG B 119 -4.40 14.53 13.10
C ARG B 119 -5.09 15.82 12.64
N ALA B 120 -4.99 16.88 13.44
CA ALA B 120 -5.56 18.17 13.06
C ALA B 120 -4.64 18.83 12.03
N ASN B 121 -5.23 19.54 11.06
CA ASN B 121 -4.46 20.30 10.09
C ASN B 121 -3.39 19.45 9.39
N ALA B 122 -3.77 18.23 9.01
CA ALA B 122 -2.85 17.31 8.35
C ALA B 122 -2.48 17.84 6.98
N LYS B 123 -1.21 17.69 6.63
CA LYS B 123 -0.67 18.18 5.37
C LYS B 123 -0.75 17.08 4.33
N LEU B 124 -1.87 17.06 3.63
CA LEU B 124 -2.12 16.01 2.65
C LEU B 124 -2.42 16.64 1.30
N SER B 125 -2.06 15.93 0.23
CA SER B 125 -2.22 16.43 -1.12
C SER B 125 -3.69 16.44 -1.55
N LEU B 126 -4.06 17.52 -2.23
CA LEU B 126 -5.35 17.64 -2.92
C LEU B 126 -5.24 17.13 -4.36
N SER B 127 -4.07 16.63 -4.74
CA SER B 127 -3.84 16.13 -6.09
C SER B 127 -4.77 14.92 -6.33
N PRO B 128 -5.50 14.88 -7.45
CA PRO B 128 -6.41 13.76 -7.72
C PRO B 128 -5.73 12.38 -7.92
N HIS B 129 -4.45 12.38 -8.28
CA HIS B 129 -3.71 11.14 -8.46
C HIS B 129 -2.84 10.81 -7.23
N GLY B 130 -2.93 11.66 -6.21
CA GLY B 130 -2.23 11.42 -4.96
C GLY B 130 -3.16 10.93 -3.86
N THR B 131 -4.33 11.55 -3.76
CA THR B 131 -5.32 11.24 -2.71
C THR B 131 -6.63 10.94 -3.40
N PHE B 132 -7.25 9.81 -3.07
CA PHE B 132 -8.51 9.41 -3.72
C PHE B 132 -9.23 8.31 -2.97
N LEU B 133 -10.47 8.07 -3.39
CA LEU B 133 -11.36 7.14 -2.73
C LEU B 133 -12.30 6.55 -3.78
N GLY B 134 -12.48 5.24 -3.74
CA GLY B 134 -13.41 4.61 -4.65
C GLY B 134 -14.15 3.39 -4.13
N PHE B 135 -15.16 3.00 -4.92
CA PHE B 135 -16.11 1.95 -4.61
C PHE B 135 -16.43 1.19 -5.86
N VAL B 136 -16.51 -0.14 -5.76
CA VAL B 136 -17.05 -0.98 -6.79
C VAL B 136 -18.04 -1.95 -6.13
N LYS B 137 -19.29 -1.91 -6.58
CA LYS B 137 -20.28 -2.87 -6.14
C LYS B 137 -20.01 -4.22 -6.81
N LEU B 138 -19.79 -5.24 -6.02
CA LEU B 138 -19.47 -6.58 -6.54
C LEU B 138 -20.71 -7.48 -6.51
N LYS C 2 -24.13 -13.60 -8.51
CA LYS C 2 -23.28 -12.61 -7.75
C LYS C 2 -21.88 -13.18 -7.49
N HIS C 3 -20.91 -12.29 -7.37
CA HIS C 3 -19.51 -12.69 -7.12
C HIS C 3 -19.32 -13.28 -5.72
N SER C 4 -18.63 -14.42 -5.67
CA SER C 4 -18.28 -15.11 -4.43
C SER C 4 -17.10 -14.40 -3.71
N VAL C 5 -17.21 -14.18 -2.40
CA VAL C 5 -16.22 -13.40 -1.65
C VAL C 5 -15.94 -13.93 -0.26
N LEU C 6 -14.76 -13.60 0.25
CA LEU C 6 -14.38 -13.95 1.62
C LEU C 6 -13.47 -12.86 2.18
N HIS C 7 -13.86 -12.27 3.31
CA HIS C 7 -13.00 -11.36 4.03
C HIS C 7 -12.66 -11.94 5.40
N LEU C 8 -11.38 -12.00 5.72
CA LEU C 8 -10.89 -12.65 6.95
C LEU C 8 -10.10 -11.69 7.82
N VAL C 9 -10.23 -11.86 9.12
CA VAL C 9 -9.45 -11.09 10.08
C VAL C 9 -8.79 -12.06 11.09
N PRO C 10 -7.74 -11.63 11.77
CA PRO C 10 -7.03 -12.52 12.72
C PRO C 10 -7.86 -12.98 13.91
N VAL C 11 -7.63 -14.20 14.38
CA VAL C 11 -8.06 -14.61 15.72
C VAL C 11 -6.88 -14.67 16.71
N ASN C 12 -5.72 -15.11 16.23
CA ASN C 12 -4.45 -15.01 16.97
C ASN C 12 -3.25 -15.24 16.06
N ILE C 13 -2.05 -15.11 16.59
CA ILE C 13 -0.86 -15.40 15.81
C ILE C 13 -0.06 -16.51 16.46
N THR C 14 0.72 -17.19 15.64
CA THR C 14 1.56 -18.28 16.10
C THR C 14 2.90 -18.24 15.39
N SER C 15 3.96 -18.54 16.14
CA SER C 15 5.29 -18.61 15.59
C SER C 15 5.95 -19.89 16.08
N LYS C 16 6.35 -20.74 15.15
CA LYS C 16 7.00 -22.01 15.51
C LYS C 16 8.41 -21.76 16.03
N ALA C 17 8.90 -22.68 16.85
CA ALA C 17 10.22 -22.55 17.49
C ALA C 17 11.35 -22.28 16.48
N ASP C 18 11.86 -23.35 15.88
CA ASP C 18 13.10 -23.26 15.07
C ASP C 18 12.92 -22.57 13.71
N SER C 19 11.68 -22.28 13.34
CA SER C 19 11.39 -21.60 12.08
C SER C 19 11.60 -20.10 12.31
N ASP C 20 11.68 -19.34 11.23
CA ASP C 20 11.74 -17.89 11.35
C ASP C 20 10.51 -17.35 10.64
N VAL C 21 9.36 -17.76 11.16
CA VAL C 21 8.06 -17.48 10.57
C VAL C 21 7.00 -17.20 11.63
N THR C 22 6.11 -16.28 11.30
CA THR C 22 4.93 -16.03 12.09
C THR C 22 3.75 -16.12 11.13
N GLU C 23 2.73 -16.88 11.52
CA GLU C 23 1.49 -16.98 10.75
C GLU C 23 0.30 -16.48 11.57
N VAL C 24 -0.82 -16.31 10.90
CA VAL C 24 -2.05 -15.84 11.49
C VAL C 24 -3.13 -16.91 11.38
N MET C 25 -3.92 -17.09 12.43
CA MET C 25 -5.12 -17.90 12.36
C MET C 25 -6.23 -16.92 11.95
N TRP C 26 -7.04 -17.30 10.96
CA TRP C 26 -8.04 -16.43 10.36
C TRP C 26 -9.47 -16.85 10.73
N GLN C 27 -10.37 -15.86 10.82
CA GLN C 27 -11.83 -16.05 11.00
C GLN C 27 -12.51 -15.27 9.87
N PRO C 28 -13.54 -15.84 9.25
CA PRO C 28 -14.30 -15.11 8.23
C PRO C 28 -15.25 -14.11 8.87
N VAL C 29 -15.28 -12.87 8.40
CA VAL C 29 -16.31 -11.92 8.81
C VAL C 29 -17.32 -11.61 7.69
N LEU C 30 -16.96 -11.92 6.46
CA LEU C 30 -17.85 -11.75 5.32
C LEU C 30 -17.66 -12.93 4.38
N ARG C 31 -18.77 -13.53 3.96
CA ARG C 31 -18.77 -14.70 3.10
C ARG C 31 -19.96 -14.62 2.16
N ARG C 32 -19.71 -14.68 0.86
CA ARG C 32 -20.77 -14.96 -0.09
C ARG C 32 -20.34 -16.15 -0.93
N GLY C 33 -21.27 -17.07 -1.16
CA GLY C 33 -20.98 -18.29 -1.86
C GLY C 33 -20.00 -19.17 -1.08
N ARG C 34 -19.51 -20.19 -1.75
CA ARG C 34 -18.45 -21.04 -1.22
C ARG C 34 -17.29 -20.92 -2.20
N GLY C 35 -16.50 -21.98 -2.34
CA GLY C 35 -15.31 -21.91 -3.18
C GLY C 35 -14.07 -21.69 -2.35
N LEU C 36 -14.21 -21.06 -1.18
CA LEU C 36 -13.10 -20.83 -0.27
C LEU C 36 -13.50 -21.10 1.18
N GLU C 37 -12.53 -21.54 1.98
CA GLU C 37 -12.78 -21.88 3.36
C GLU C 37 -11.51 -21.72 4.16
N ALA C 38 -11.56 -20.88 5.19
CA ALA C 38 -10.46 -20.73 6.12
C ALA C 38 -10.37 -21.97 7.00
N GLN C 39 -9.17 -22.51 7.14
CA GLN C 39 -8.90 -23.60 8.08
C GLN C 39 -7.70 -23.22 8.93
N GLY C 40 -7.93 -22.40 9.95
CA GLY C 40 -6.87 -21.91 10.81
C GLY C 40 -5.96 -20.96 10.08
N ASP C 41 -4.69 -21.35 9.92
CA ASP C 41 -3.67 -20.45 9.35
C ASP C 41 -3.60 -20.45 7.81
N ILE C 42 -4.40 -21.28 7.16
CA ILE C 42 -4.38 -21.37 5.69
C ILE C 42 -5.79 -21.19 5.15
N VAL C 43 -5.89 -20.82 3.89
CA VAL C 43 -7.18 -20.83 3.22
C VAL C 43 -7.21 -21.91 2.15
N ARG C 44 -8.26 -22.71 2.19
CA ARG C 44 -8.44 -23.79 1.22
C ARG C 44 -9.30 -23.34 0.06
N VAL C 45 -8.90 -23.72 -1.15
CA VAL C 45 -9.66 -23.43 -2.34
C VAL C 45 -10.48 -24.65 -2.71
N TRP C 46 -11.80 -24.48 -2.73
CA TRP C 46 -12.70 -25.54 -3.19
C TRP C 46 -13.12 -25.38 -4.67
N ASP C 47 -13.22 -24.13 -5.15
CA ASP C 47 -13.69 -23.85 -6.51
C ASP C 47 -12.59 -23.20 -7.34
N THR C 48 -12.15 -23.89 -8.37
CA THR C 48 -11.17 -23.34 -9.29
C THR C 48 -11.72 -22.05 -9.92
N GLY C 49 -10.84 -21.07 -10.09
CA GLY C 49 -11.23 -19.81 -10.67
C GLY C 49 -10.13 -18.77 -10.56
N ILE C 50 -10.38 -17.60 -11.13
CA ILE C 50 -9.49 -16.46 -11.03
C ILE C 50 -10.01 -15.56 -9.92
N TYR C 51 -9.14 -15.22 -8.97
CA TYR C 51 -9.51 -14.45 -7.78
C TYR C 51 -8.66 -13.21 -7.62
N LEU C 52 -9.30 -12.11 -7.23
CA LEU C 52 -8.59 -10.98 -6.63
C LEU C 52 -8.28 -11.39 -5.21
N LEU C 53 -7.02 -11.30 -4.83
CA LEU C 53 -6.55 -11.65 -3.50
C LEU C 53 -5.86 -10.42 -2.92
N TYR C 54 -6.28 -9.97 -1.73
CA TYR C 54 -5.63 -8.84 -1.08
C TYR C 54 -5.24 -9.20 0.37
N SER C 55 -4.20 -8.54 0.86
CA SER C 55 -3.58 -8.85 2.14
C SER C 55 -3.00 -7.60 2.75
N GLN C 56 -3.41 -7.29 3.97
CA GLN C 56 -2.74 -6.25 4.74
C GLN C 56 -2.29 -6.80 6.09
N VAL C 57 -1.11 -6.36 6.52
CA VAL C 57 -0.64 -6.63 7.88
C VAL C 57 -0.14 -5.34 8.49
N LEU C 58 -0.48 -5.12 9.76
CA LEU C 58 -0.06 -3.95 10.50
C LEU C 58 1.01 -4.38 11.50
N PHE C 59 2.20 -3.82 11.33
CA PHE C 59 3.38 -4.15 12.14
C PHE C 59 3.68 -3.08 13.17
N HIS C 60 4.14 -3.53 14.34
CA HIS C 60 4.68 -2.68 15.40
C HIS C 60 6.00 -3.29 15.87
N ASP C 61 7.05 -3.04 15.11
CA ASP C 61 8.26 -3.86 15.13
C ASP C 61 9.46 -3.07 14.59
N VAL C 62 10.58 -3.09 15.31
CA VAL C 62 11.76 -2.32 14.92
C VAL C 62 12.69 -3.06 13.97
N THR C 63 12.40 -4.32 13.68
CA THR C 63 13.16 -5.08 12.70
C THR C 63 13.25 -4.29 11.39
N PHE C 64 14.45 -4.22 10.83
CA PHE C 64 14.78 -3.26 9.79
C PHE C 64 13.80 -3.29 8.63
N THR C 65 13.39 -4.49 8.21
CA THR C 65 12.24 -4.65 7.32
C THR C 65 11.26 -5.68 7.87
N MET C 66 9.99 -5.44 7.60
CA MET C 66 8.92 -6.39 7.88
C MET C 66 8.05 -6.53 6.62
N GLY C 67 7.22 -7.55 6.61
CA GLY C 67 6.31 -7.75 5.50
C GLY C 67 5.72 -9.14 5.49
N GLN C 68 4.99 -9.45 4.43
CA GLN C 68 4.32 -10.74 4.33
C GLN C 68 4.46 -11.35 2.94
N VAL C 69 4.45 -12.68 2.90
CA VAL C 69 4.59 -13.45 1.69
C VAL C 69 3.29 -14.26 1.59
N VAL C 70 2.56 -14.05 0.50
CA VAL C 70 1.33 -14.79 0.23
C VAL C 70 1.63 -15.82 -0.85
N SER C 71 1.30 -17.07 -0.59
CA SER C 71 1.68 -18.17 -1.46
C SER C 71 0.56 -19.16 -1.66
N ARG C 72 0.72 -19.97 -2.71
CA ARG C 72 -0.20 -21.01 -3.09
C ARG C 72 0.56 -22.34 -3.09
N GLU C 73 -0.03 -23.36 -2.46
CA GLU C 73 0.57 -24.68 -2.39
C GLU C 73 -0.45 -25.66 -2.95
N GLY C 74 -0.05 -26.45 -3.93
CA GLY C 74 -0.96 -27.39 -4.57
C GLY C 74 -0.34 -28.10 -5.76
N GLN C 75 -0.67 -29.38 -5.93
CA GLN C 75 -0.07 -30.19 -6.99
C GLN C 75 1.46 -30.22 -6.81
N GLY C 76 1.90 -30.61 -5.61
CA GLY C 76 3.31 -30.80 -5.28
C GLY C 76 4.24 -29.61 -5.46
N ARG C 77 3.71 -28.39 -5.41
CA ARG C 77 4.50 -27.20 -5.71
C ARG C 77 4.16 -25.99 -4.83
N ARG C 78 5.20 -25.21 -4.53
CA ARG C 78 5.08 -23.96 -3.81
C ARG C 78 5.26 -22.82 -4.81
N GLU C 79 4.48 -21.76 -4.67
CA GLU C 79 4.66 -20.58 -5.50
C GLU C 79 4.25 -19.32 -4.77
N THR C 80 5.18 -18.38 -4.63
CA THR C 80 4.85 -17.07 -4.08
C THR C 80 4.00 -16.29 -5.07
N LEU C 81 2.91 -15.73 -4.58
CA LEU C 81 1.98 -14.95 -5.40
C LEU C 81 2.39 -13.48 -5.34
N PHE C 82 2.50 -12.95 -4.14
CA PHE C 82 3.02 -11.60 -3.94
C PHE C 82 3.62 -11.38 -2.56
N ARG C 83 4.53 -10.42 -2.50
CA ARG C 83 5.18 -9.97 -1.29
C ARG C 83 4.91 -8.49 -1.06
N CYS C 84 4.82 -8.10 0.21
CA CYS C 84 4.79 -6.70 0.61
C CYS C 84 6.00 -6.49 1.54
N ILE C 85 6.72 -5.37 1.39
CA ILE C 85 7.92 -5.09 2.18
C ILE C 85 7.93 -3.63 2.63
N ARG C 86 8.23 -3.43 3.91
CA ARG C 86 8.24 -2.09 4.50
C ARG C 86 9.43 -1.97 5.44
N SER C 87 10.30 -1.00 5.20
CA SER C 87 11.31 -0.61 6.18
C SER C 87 10.65 -0.02 7.43
N MET C 88 11.20 -0.32 8.59
CA MET C 88 10.64 0.14 9.86
C MET C 88 11.60 1.10 10.55
N PRO C 89 11.08 2.11 11.25
CA PRO C 89 11.90 2.91 12.18
C PRO C 89 12.58 2.06 13.25
N SER C 90 13.72 2.52 13.74
CA SER C 90 14.48 1.75 14.72
C SER C 90 14.06 2.03 16.18
N ASP C 91 13.26 3.07 16.41
CA ASP C 91 12.75 3.39 17.74
C ASP C 91 11.40 2.71 17.98
N PRO C 92 11.26 1.91 19.04
CA PRO C 92 10.03 1.14 19.28
C PRO C 92 8.74 1.97 19.40
N ASP C 93 8.81 3.12 20.03
CA ASP C 93 7.64 4.00 20.16
C ASP C 93 7.12 4.54 18.84
N ARG C 94 7.98 4.55 17.81
CA ARG C 94 7.69 5.16 16.50
C ARG C 94 7.42 4.14 15.37
N ALA C 95 7.71 2.89 15.64
CA ALA C 95 7.80 1.87 14.60
C ALA C 95 6.45 1.23 14.27
N TYR C 96 5.64 1.91 13.46
CA TYR C 96 4.34 1.42 13.03
C TYR C 96 4.25 1.55 11.51
N ASN C 97 3.80 0.49 10.83
CA ASN C 97 3.57 0.55 9.38
C ASN C 97 2.57 -0.53 9.01
N SER C 98 1.59 -0.20 8.18
CA SER C 98 0.78 -1.22 7.55
C SER C 98 1.43 -1.54 6.21
N CYS C 99 1.23 -2.77 5.76
CA CYS C 99 1.79 -3.25 4.51
C CYS C 99 0.65 -3.95 3.75
N TYR C 100 0.26 -3.34 2.64
CA TYR C 100 -0.86 -3.83 1.82
C TYR C 100 -0.34 -4.21 0.45
N SER C 101 -0.84 -5.34 -0.05
CA SER C 101 -0.62 -5.72 -1.43
C SER C 101 -1.75 -6.62 -1.91
N ALA C 102 -1.86 -6.74 -3.24
CA ALA C 102 -2.94 -7.49 -3.85
C ALA C 102 -2.64 -7.82 -5.31
N GLY C 103 -3.31 -8.84 -5.81
CA GLY C 103 -3.24 -9.17 -7.22
C GLY C 103 -4.31 -10.16 -7.61
N VAL C 104 -4.32 -10.51 -8.89
CA VAL C 104 -5.26 -11.45 -9.45
C VAL C 104 -4.52 -12.74 -9.84
N PHE C 105 -5.04 -13.88 -9.39
CA PHE C 105 -4.37 -15.15 -9.56
C PHE C 105 -5.35 -16.26 -9.90
N HIS C 106 -4.90 -17.19 -10.73
CA HIS C 106 -5.62 -18.42 -10.98
C HIS C 106 -5.38 -19.39 -9.82
N LEU C 107 -6.42 -19.65 -9.05
CA LEU C 107 -6.38 -20.64 -7.98
C LEU C 107 -7.11 -21.93 -8.40
N HIS C 108 -6.53 -23.07 -8.05
CA HIS C 108 -7.06 -24.37 -8.43
C HIS C 108 -7.61 -25.10 -7.19
N GLN C 109 -8.70 -25.83 -7.37
CA GLN C 109 -9.26 -26.67 -6.31
C GLN C 109 -8.15 -27.51 -5.67
N GLY C 110 -8.21 -27.61 -4.34
CA GLY C 110 -7.18 -28.26 -3.56
C GLY C 110 -6.05 -27.37 -3.08
N ASP C 111 -5.93 -26.17 -3.62
CA ASP C 111 -4.80 -25.29 -3.27
C ASP C 111 -4.91 -24.82 -1.84
N ILE C 112 -3.77 -24.47 -1.27
CA ILE C 112 -3.69 -23.92 0.06
C ILE C 112 -3.02 -22.55 -0.08
N ILE C 113 -3.70 -21.51 0.39
CA ILE C 113 -3.14 -20.17 0.40
C ILE C 113 -2.61 -19.87 1.81
N THR C 114 -1.36 -19.41 1.87
CA THR C 114 -0.68 -19.09 3.13
C THR C 114 -0.29 -17.61 3.16
N VAL C 115 -0.37 -17.00 4.34
CA VAL C 115 0.24 -15.70 4.58
C VAL C 115 1.28 -15.83 5.71
N LYS C 116 2.55 -15.60 5.38
CA LYS C 116 3.66 -15.83 6.29
C LYS C 116 4.51 -14.58 6.43
N ILE C 117 4.80 -14.22 7.67
CA ILE C 117 5.69 -13.11 7.98
C ILE C 117 7.01 -13.79 8.28
N PRO C 118 8.00 -13.69 7.40
CA PRO C 118 9.25 -14.42 7.58
C PRO C 118 10.18 -13.89 8.70
N ARG C 119 9.62 -13.53 9.85
CA ARG C 119 10.38 -13.35 11.10
C ARG C 119 9.68 -14.08 12.22
N ALA C 120 10.47 -14.55 13.18
CA ALA C 120 9.94 -15.22 14.35
C ALA C 120 9.37 -14.20 15.32
N ASN C 121 8.24 -14.56 15.93
CA ASN C 121 7.60 -13.76 16.97
C ASN C 121 7.35 -12.34 16.54
N ALA C 122 6.94 -12.18 15.28
CA ALA C 122 6.63 -10.89 14.72
C ALA C 122 5.54 -10.19 15.49
N LYS C 123 5.65 -8.87 15.62
CA LYS C 123 4.68 -8.08 16.38
C LYS C 123 3.72 -7.46 15.39
N LEU C 124 2.58 -8.09 15.27
CA LEU C 124 1.60 -7.58 14.34
C LEU C 124 0.25 -7.49 15.00
N SER C 125 -0.55 -6.55 14.52
CA SER C 125 -1.83 -6.27 15.13
C SER C 125 -2.81 -7.40 14.82
N LEU C 126 -3.59 -7.77 15.83
CA LEU C 126 -4.77 -8.62 15.66
C LEU C 126 -6.04 -7.85 15.28
N SER C 127 -5.98 -6.53 15.28
CA SER C 127 -7.13 -5.69 14.98
C SER C 127 -7.67 -6.06 13.60
N PRO C 128 -8.98 -6.27 13.48
CA PRO C 128 -9.55 -6.66 12.18
C PRO C 128 -9.42 -5.60 11.10
N HIS C 129 -9.18 -4.34 11.48
CA HIS C 129 -9.02 -3.24 10.53
C HIS C 129 -7.57 -2.85 10.26
N GLY C 130 -6.63 -3.49 10.96
CA GLY C 130 -5.22 -3.31 10.70
C GLY C 130 -4.62 -4.46 9.91
N THR C 131 -5.06 -5.68 10.22
CA THR C 131 -4.58 -6.90 9.58
C THR C 131 -5.76 -7.65 9.01
N PHE C 132 -5.71 -7.99 7.72
CA PHE C 132 -6.81 -8.73 7.09
C PHE C 132 -6.39 -9.39 5.78
N LEU C 133 -7.28 -10.25 5.28
CA LEU C 133 -7.05 -11.08 4.09
C LEU C 133 -8.36 -11.26 3.33
N GLY C 134 -8.38 -11.10 2.01
CA GLY C 134 -9.63 -11.27 1.29
C GLY C 134 -9.53 -11.78 -0.12
N PHE C 135 -10.67 -12.27 -0.64
CA PHE C 135 -10.76 -12.94 -1.93
C PHE C 135 -12.05 -12.53 -2.62
N VAL C 136 -11.98 -12.30 -3.91
CA VAL C 136 -13.16 -12.07 -4.72
C VAL C 136 -12.98 -12.89 -5.97
N LYS C 137 -13.86 -13.85 -6.18
CA LYS C 137 -13.88 -14.59 -7.43
C LYS C 137 -14.37 -13.69 -8.54
N LEU C 138 -13.56 -13.56 -9.59
CA LEU C 138 -13.86 -12.71 -10.71
C LEU C 138 -14.35 -13.54 -11.88
N CYS D 4 11.13 26.51 -10.99
CA CYS D 4 11.95 26.25 -9.76
C CYS D 4 13.12 27.22 -9.70
N SER D 5 13.64 27.43 -8.49
CA SER D 5 14.75 28.36 -8.28
C SER D 5 16.11 27.66 -8.46
N GLN D 6 17.20 28.39 -8.23
CA GLN D 6 18.54 27.86 -8.44
C GLN D 6 18.86 26.69 -7.49
N ASN D 7 19.54 25.67 -8.04
CA ASN D 7 19.91 24.46 -7.30
C ASN D 7 18.70 23.71 -6.75
N GLU D 8 17.62 23.73 -7.52
CA GLU D 8 16.46 22.87 -7.28
C GLU D 8 16.11 22.15 -8.59
N TYR D 9 15.34 21.07 -8.49
CA TYR D 9 14.78 20.42 -9.67
C TYR D 9 13.28 20.14 -9.45
N PHE D 10 12.54 20.09 -10.55
CA PHE D 10 11.14 19.75 -10.46
C PHE D 10 11.07 18.24 -10.45
N ASP D 11 10.62 17.68 -9.32
CA ASP D 11 10.54 16.25 -9.16
C ASP D 11 9.19 15.78 -9.69
N SER D 12 9.20 14.98 -10.75
CA SER D 12 7.95 14.59 -11.42
C SER D 12 7.16 13.53 -10.64
N LEU D 13 7.81 12.91 -9.66
CA LEU D 13 7.11 11.97 -8.78
C LEU D 13 6.33 12.74 -7.74
N LEU D 14 6.94 13.78 -7.18
CA LEU D 14 6.37 14.49 -6.05
C LEU D 14 5.61 15.74 -6.49
N HIS D 15 5.71 16.11 -7.77
CA HIS D 15 5.15 17.35 -8.29
C HIS D 15 5.49 18.56 -7.41
N ALA D 16 6.75 18.64 -7.01
CA ALA D 16 7.26 19.72 -6.19
C ALA D 16 8.69 20.11 -6.57
N CYS D 17 9.11 21.29 -6.13
CA CYS D 17 10.50 21.73 -6.28
C CYS D 17 11.31 21.22 -5.10
N ILE D 18 12.41 20.53 -5.39
CA ILE D 18 13.23 19.88 -4.37
C ILE D 18 14.68 20.34 -4.51
N PRO D 19 15.34 20.62 -3.39
CA PRO D 19 16.78 20.95 -3.42
C PRO D 19 17.61 19.82 -4.05
N CYS D 20 18.65 20.15 -4.80
CA CYS D 20 19.46 19.14 -5.49
C CYS D 20 20.27 18.26 -4.56
N GLN D 21 20.61 18.77 -3.38
CA GLN D 21 21.45 18.04 -2.44
C GLN D 21 20.80 16.75 -1.93
N LEU D 22 19.47 16.71 -1.96
CA LEU D 22 18.71 15.49 -1.64
C LEU D 22 18.96 14.34 -2.60
N ARG D 23 19.34 14.65 -3.84
CA ARG D 23 19.58 13.65 -4.89
C ARG D 23 21.06 13.41 -5.23
N CYS D 24 21.98 14.10 -4.56
CA CYS D 24 23.38 14.05 -4.99
C CYS D 24 24.11 12.74 -4.69
N SER D 25 24.07 12.32 -3.43
CA SER D 25 24.75 11.10 -2.98
C SER D 25 23.84 9.88 -3.12
N SER D 26 23.25 9.71 -4.30
CA SER D 26 22.26 8.66 -4.53
C SER D 26 22.15 8.35 -6.01
N ASN D 27 22.83 7.27 -6.43
CA ASN D 27 22.76 6.76 -7.80
C ASN D 27 22.94 7.87 -8.85
N THR D 28 21.95 8.05 -9.73
CA THR D 28 22.02 9.05 -10.79
C THR D 28 21.10 10.22 -10.43
N PRO D 29 21.67 11.39 -10.14
CA PRO D 29 20.84 12.58 -9.87
C PRO D 29 20.18 13.07 -11.15
N PRO D 30 19.18 13.95 -11.08
CA PRO D 30 18.57 14.51 -12.29
C PRO D 30 19.61 15.28 -13.09
N LEU D 31 19.39 15.44 -14.38
CA LEU D 31 20.35 16.06 -15.29
C LEU D 31 20.70 17.52 -14.94
N THR D 32 19.71 18.27 -14.47
CA THR D 32 19.92 19.66 -14.04
C THR D 32 20.90 19.75 -12.88
N CYS D 33 20.81 18.76 -11.99
CA CYS D 33 21.58 18.73 -10.74
C CYS D 33 23.03 18.30 -10.89
N GLN D 34 23.38 17.69 -12.02
CA GLN D 34 24.66 16.98 -12.16
C GLN D 34 25.86 17.89 -11.99
N ARG D 35 25.74 19.14 -12.42
CA ARG D 35 26.85 20.10 -12.29
C ARG D 35 27.04 20.46 -10.81
N TYR D 36 25.94 20.76 -10.13
CA TYR D 36 25.92 21.06 -8.69
C TYR D 36 26.50 19.93 -7.82
N CYS D 37 26.25 18.69 -8.22
CA CYS D 37 26.63 17.52 -7.42
C CYS D 37 28.11 17.18 -7.52
N ASN D 38 28.81 17.74 -8.51
CA ASN D 38 30.24 17.52 -8.67
C ASN D 38 31.09 18.55 -7.94
N ALA D 39 31.06 19.80 -8.42
CA ALA D 39 31.95 20.86 -7.89
C ALA D 39 31.46 21.42 -6.55
N GLY E 2 -9.61 4.64 25.65
CA GLY E 2 -9.13 6.02 25.46
C GLY E 2 -8.44 6.60 26.68
N GLN E 3 -8.01 5.75 27.64
CA GLN E 3 -7.29 6.26 28.82
C GLN E 3 -5.92 5.62 29.10
N CYS E 4 -4.96 6.51 29.36
CA CYS E 4 -3.53 6.20 29.31
C CYS E 4 -2.84 6.63 30.59
N SER E 5 -1.52 6.45 30.66
CA SER E 5 -0.73 7.01 31.77
C SER E 5 -0.51 8.51 31.53
N GLN E 6 -0.10 9.21 32.58
CA GLN E 6 0.12 10.67 32.52
C GLN E 6 1.16 11.02 31.45
N ASN E 7 0.92 12.13 30.77
CA ASN E 7 1.72 12.56 29.62
C ASN E 7 1.71 11.56 28.44
N GLU E 8 0.55 10.94 28.17
CA GLU E 8 0.27 10.19 26.92
C GLU E 8 -1.12 10.54 26.39
N TYR E 9 -1.38 10.26 25.11
CA TYR E 9 -2.73 10.42 24.54
C TYR E 9 -3.13 9.12 23.84
N PHE E 10 -4.43 8.89 23.71
CA PHE E 10 -4.89 7.75 22.94
C PHE E 10 -4.98 8.15 21.49
N ASP E 11 -4.09 7.56 20.70
CA ASP E 11 -3.99 7.82 19.28
C ASP E 11 -5.00 6.96 18.53
N SER E 12 -6.01 7.61 17.96
CA SER E 12 -7.09 6.96 17.22
C SER E 12 -6.68 6.40 15.86
N LEU E 13 -5.51 6.79 15.36
CA LEU E 13 -4.97 6.16 14.15
C LEU E 13 -4.30 4.83 14.49
N LEU E 14 -3.47 4.82 15.54
CA LEU E 14 -2.72 3.62 15.93
C LEU E 14 -3.45 2.75 16.95
N HIS E 15 -4.57 3.22 17.47
CA HIS E 15 -5.29 2.56 18.56
C HIS E 15 -4.35 2.11 19.68
N ALA E 16 -3.53 3.04 20.13
CA ALA E 16 -2.56 2.78 21.18
C ALA E 16 -2.21 4.05 21.94
N CYS E 17 -1.75 3.87 23.16
CA CYS E 17 -1.27 4.97 23.99
C CYS E 17 0.14 5.34 23.53
N ILE E 18 0.36 6.64 23.29
CA ILE E 18 1.62 7.16 22.74
C ILE E 18 2.09 8.34 23.57
N PRO E 19 3.39 8.41 23.88
CA PRO E 19 3.93 9.58 24.60
C PRO E 19 3.62 10.88 23.87
N CYS E 20 3.15 11.88 24.62
CA CYS E 20 2.94 13.23 24.10
C CYS E 20 4.20 13.81 23.48
N GLN E 21 5.36 13.41 24.03
CA GLN E 21 6.66 13.86 23.56
C GLN E 21 6.81 13.64 22.04
N LEU E 22 6.26 12.53 21.53
CA LEU E 22 6.36 12.21 20.11
C LEU E 22 5.58 13.15 19.19
N ARG E 23 4.60 13.87 19.74
CA ARG E 23 3.79 14.82 18.96
C ARG E 23 4.16 16.31 19.14
N CYS E 24 5.22 16.60 19.88
CA CYS E 24 5.65 17.99 20.09
C CYS E 24 6.36 18.62 18.88
N SER E 25 7.00 17.79 18.07
CA SER E 25 7.56 18.25 16.80
C SER E 25 6.47 18.51 15.75
N SER E 26 5.31 17.87 15.90
CA SER E 26 4.21 18.01 14.94
C SER E 26 3.59 19.40 15.02
N ASN E 27 2.91 19.80 13.94
CA ASN E 27 2.38 21.17 13.83
C ASN E 27 1.30 21.48 14.87
N THR E 28 0.24 20.68 14.88
CA THR E 28 -0.85 20.83 15.84
C THR E 28 -0.95 19.56 16.69
N PRO E 29 -0.39 19.57 17.90
CA PRO E 29 -0.46 18.42 18.79
C PRO E 29 -1.90 18.10 19.18
N PRO E 30 -2.17 16.93 19.73
CA PRO E 30 -3.51 16.62 20.23
C PRO E 30 -3.92 17.59 21.32
N LEU E 31 -5.21 17.91 21.39
CA LEU E 31 -5.76 18.80 22.41
C LEU E 31 -5.27 18.51 23.84
N THR E 32 -5.23 17.23 24.22
CA THR E 32 -4.81 16.84 25.59
C THR E 32 -3.31 16.96 25.82
N CYS E 33 -2.53 16.85 24.75
CA CYS E 33 -1.07 17.07 24.81
C CYS E 33 -0.66 18.55 24.84
N GLN E 34 -1.54 19.47 24.44
CA GLN E 34 -1.15 20.87 24.29
C GLN E 34 -0.50 21.47 25.55
N ARG E 35 -0.97 21.06 26.73
CA ARG E 35 -0.40 21.56 28.00
C ARG E 35 1.00 21.02 28.28
N TYR E 36 1.24 19.75 27.91
CA TYR E 36 2.55 19.13 28.08
C TYR E 36 3.61 19.72 27.16
N CYS E 37 3.28 19.90 25.88
CA CYS E 37 4.22 20.47 24.91
C CYS E 37 4.51 21.94 25.21
N ASN E 38 3.62 22.58 25.97
CA ASN E 38 3.80 23.95 26.43
C ASN E 38 3.89 24.00 27.96
N CYS F 4 25.16 -18.49 1.52
CA CYS F 4 25.53 -17.16 2.10
C CYS F 4 26.95 -17.15 2.63
N SER F 5 27.47 -15.95 2.88
CA SER F 5 28.78 -15.75 3.51
C SER F 5 28.68 -15.90 5.02
N GLN F 6 29.83 -15.88 5.69
CA GLN F 6 29.90 -15.96 7.15
C GLN F 6 29.22 -14.74 7.78
N ASN F 7 28.53 -14.98 8.89
CA ASN F 7 27.80 -13.93 9.60
C ASN F 7 26.78 -13.20 8.69
N GLU F 8 26.11 -13.99 7.84
CA GLU F 8 24.95 -13.53 7.06
C GLU F 8 23.92 -14.65 6.97
N TYR F 9 22.65 -14.28 6.80
CA TYR F 9 21.55 -15.25 6.69
C TYR F 9 20.74 -15.00 5.43
N PHE F 10 20.09 -16.05 4.93
CA PHE F 10 19.14 -15.88 3.84
C PHE F 10 17.82 -15.34 4.38
N ASP F 11 17.47 -14.13 3.98
CA ASP F 11 16.21 -13.51 4.35
C ASP F 11 15.16 -13.94 3.32
N SER F 12 14.18 -14.71 3.78
CA SER F 12 13.11 -15.21 2.92
C SER F 12 12.10 -14.14 2.53
N LEU F 13 12.10 -13.01 3.22
CA LEU F 13 11.25 -11.88 2.81
C LEU F 13 11.86 -11.16 1.63
N LEU F 14 13.15 -10.82 1.75
CA LEU F 14 13.85 -10.02 0.76
C LEU F 14 14.48 -10.84 -0.37
N HIS F 15 14.46 -12.17 -0.26
CA HIS F 15 15.14 -13.08 -1.20
C HIS F 15 16.59 -12.66 -1.48
N ALA F 16 17.38 -12.54 -0.42
CA ALA F 16 18.77 -12.08 -0.54
C ALA F 16 19.56 -12.23 0.77
N CYS F 17 20.88 -12.34 0.65
CA CYS F 17 21.75 -12.45 1.84
C CYS F 17 21.91 -11.12 2.56
N ILE F 18 21.77 -11.14 3.88
CA ILE F 18 21.79 -9.93 4.69
C ILE F 18 22.68 -10.09 5.94
N PRO F 19 23.51 -9.09 6.25
CA PRO F 19 24.37 -9.14 7.44
C PRO F 19 23.60 -9.26 8.75
N CYS F 20 24.17 -10.03 9.69
CA CYS F 20 23.53 -10.29 10.97
C CYS F 20 23.38 -9.04 11.86
N GLN F 21 24.20 -8.00 11.62
CA GLN F 21 24.08 -6.71 12.32
C GLN F 21 22.66 -6.14 12.26
N LEU F 22 22.02 -6.30 11.12
CA LEU F 22 20.69 -5.75 10.87
C LEU F 22 19.57 -6.46 11.64
N ARG F 23 19.87 -7.60 12.28
CA ARG F 23 18.88 -8.35 13.05
C ARG F 23 19.21 -8.47 14.54
N CYS F 24 20.23 -7.74 15.00
CA CYS F 24 20.58 -7.71 16.43
C CYS F 24 19.65 -6.82 17.27
N SER F 25 18.76 -6.08 16.62
CA SER F 25 17.72 -5.31 17.31
C SER F 25 16.47 -6.15 17.52
N SER F 26 16.28 -7.17 16.68
CA SER F 26 15.07 -8.00 16.68
C SER F 26 14.90 -8.75 17.99
N ASN F 27 13.63 -8.92 18.37
CA ASN F 27 13.28 -9.72 19.54
C ASN F 27 13.88 -11.11 19.42
N THR F 28 13.64 -11.73 18.27
CA THR F 28 14.20 -13.04 17.95
C THR F 28 14.97 -12.96 16.63
N PRO F 29 16.30 -12.84 16.70
CA PRO F 29 17.13 -12.93 15.48
C PRO F 29 17.07 -14.36 14.92
N PRO F 30 17.42 -14.55 13.64
CA PRO F 30 17.45 -15.92 13.08
C PRO F 30 18.50 -16.78 13.78
N LEU F 31 18.39 -18.11 13.63
CA LEU F 31 19.20 -19.06 14.41
C LEU F 31 20.69 -19.07 14.03
N THR F 32 20.98 -18.94 12.73
CA THR F 32 22.37 -18.83 12.25
C THR F 32 23.04 -17.52 12.67
N CYS F 33 22.23 -16.57 13.14
CA CYS F 33 22.67 -15.23 13.52
C CYS F 33 22.88 -15.09 15.03
N GLN F 34 22.29 -15.99 15.82
CA GLN F 34 22.15 -15.80 17.26
C GLN F 34 23.48 -15.83 18.04
N ARG F 35 24.43 -16.67 17.61
CA ARG F 35 25.74 -16.74 18.30
C ARG F 35 26.56 -15.47 18.09
N TYR F 36 26.40 -14.85 16.93
CA TYR F 36 27.10 -13.62 16.57
C TYR F 36 26.64 -12.40 17.38
N CYS F 37 25.31 -12.26 17.55
CA CYS F 37 24.73 -11.11 18.25
C CYS F 37 24.97 -11.09 19.78
N ASN F 38 25.85 -11.95 20.30
CA ASN F 38 26.24 -11.91 21.70
C ASN F 38 27.11 -10.70 22.00
NI NI G . -19.37 -9.19 -12.44
#